data_1RL9
#
_entry.id   1RL9
#
_cell.length_a   64.1
_cell.length_b   65.3
_cell.length_c   85.8
_cell.angle_alpha   90
_cell.angle_beta   90
_cell.angle_gamma   90
#
_symmetry.space_group_name_H-M   'P 21 21 21'
#
loop_
_entity.id
_entity.type
_entity.pdbx_description
1 polymer 'Arginine kinase'
2 non-polymer 'MAGNESIUM ION'
3 non-polymer "ADENOSINE-5'-DIPHOSPHATE"
4 non-polymer '(DIAMINOMETHYL-METHYL-AMINO)-ACETIC ACID'
5 water water
#
_entity_poly.entity_id   1
_entity_poly.type   'polypeptide(L)'
_entity_poly.pdbx_seq_one_letter_code
;MVDQATLDKLEAGFKKLQEASDCKSLLKKHLTKDVFDSIKNKKTGMGATLLDVIQSGVENLDSGVGIYAPDAESYRTFGP
LFDPIIDDYHGGFKLTDKHPPKEWGDINTLVDLDPAGQFIISTRVRCGRSLQGYPFNPCLTAEQYKEMEEKVSSTLSSME
DELKGTYYPLTGMSKATQQQLIDDHFLFKEGDRFLQTANACRYWPTGRGIFHNDAKTFLVWVNEEDHLRIISMQKGGDLK
TVYKRLVTAVDNIESKLPFSHDDRFGFLTFCPTNLGTTMRASVHIQLPKLAKDRKVLEDIASKFNLQVRGTRGEHTESEG
GVYDISNKRRLGLTEYQAVREMQDGILEMIKMEKAAA
;
_entity_poly.pdbx_strand_id   A
#
# COMPACT_ATOMS: atom_id res chain seq x y z
N VAL A 2 8.99 -5.87 28.31
CA VAL A 2 8.31 -4.56 28.10
C VAL A 2 7.94 -3.83 29.42
N ASP A 3 8.07 -2.51 29.46
CA ASP A 3 7.75 -1.76 30.68
C ASP A 3 6.29 -1.91 31.08
N GLN A 4 6.01 -1.75 32.36
CA GLN A 4 4.65 -1.89 32.86
C GLN A 4 3.64 -0.90 32.26
N ALA A 5 4.06 0.33 31.97
CA ALA A 5 3.12 1.32 31.36
C ALA A 5 2.63 0.75 30.03
N THR A 6 3.58 0.19 29.27
CA THR A 6 3.27 -0.39 27.99
C THR A 6 2.30 -1.55 28.19
N LEU A 7 2.53 -2.37 29.20
CA LEU A 7 1.62 -3.50 29.44
C LEU A 7 0.20 -3.07 29.74
N ASP A 8 0.09 -2.00 30.54
CA ASP A 8 -1.21 -1.48 30.92
C ASP A 8 -1.94 -0.95 29.71
N LYS A 9 -1.23 -0.27 28.84
CA LYS A 9 -1.84 0.27 27.62
C LYS A 9 -2.30 -0.87 26.70
N LEU A 10 -1.52 -1.94 26.64
CA LEU A 10 -1.90 -3.08 25.84
C LEU A 10 -3.19 -3.70 26.35
N GLU A 11 -3.26 -3.89 27.67
CA GLU A 11 -4.48 -4.43 28.22
C GLU A 11 -5.67 -3.55 27.94
N ALA A 12 -5.50 -2.24 28.05
CA ALA A 12 -6.64 -1.36 27.76
C ALA A 12 -7.03 -1.47 26.28
N GLY A 13 -6.01 -1.57 25.42
CA GLY A 13 -6.25 -1.70 23.97
C GLY A 13 -7.02 -2.97 23.65
N PHE A 14 -6.56 -4.07 24.24
CA PHE A 14 -7.24 -5.35 24.03
C PHE A 14 -8.72 -5.26 24.45
N LYS A 15 -8.97 -4.66 25.63
CA LYS A 15 -10.34 -4.53 26.13
C LYS A 15 -11.17 -3.66 25.17
N LYS A 16 -10.58 -2.57 24.70
CA LYS A 16 -11.29 -1.68 23.80
C LYS A 16 -11.72 -2.42 22.54
N LEU A 17 -10.80 -3.21 21.97
CA LEU A 17 -11.12 -4.01 20.79
C LEU A 17 -12.24 -5.04 21.04
N GLN A 18 -12.13 -5.76 22.15
CA GLN A 18 -13.13 -6.78 22.50
C GLN A 18 -14.51 -6.17 22.62
N GLU A 19 -14.60 -4.98 23.23
CA GLU A 19 -15.89 -4.31 23.45
C GLU A 19 -16.53 -3.63 22.25
N ALA A 20 -15.75 -3.38 21.20
CA ALA A 20 -16.30 -2.72 20.02
C ALA A 20 -17.02 -3.76 19.13
N SER A 21 -18.27 -4.02 19.47
CA SER A 21 -19.06 -5.01 18.74
C SER A 21 -19.13 -4.77 17.25
N ASP A 22 -19.16 -3.51 16.82
CA ASP A 22 -19.29 -3.21 15.41
C ASP A 22 -17.98 -3.03 14.64
N CYS A 23 -16.87 -3.21 15.32
CA CYS A 23 -15.54 -3.11 14.67
C CYS A 23 -15.30 -4.37 13.82
N LYS A 24 -14.78 -4.20 12.60
CA LYS A 24 -14.55 -5.32 11.70
C LYS A 24 -13.08 -5.45 11.28
N SER A 25 -12.18 -4.84 12.02
CA SER A 25 -10.80 -4.91 11.62
C SER A 25 -10.16 -6.28 11.76
N LEU A 26 -9.18 -6.54 10.90
CA LEU A 26 -8.42 -7.81 11.03
C LEU A 26 -7.74 -7.89 12.38
N LEU A 27 -7.31 -6.76 12.92
CA LEU A 27 -6.71 -6.71 14.26
C LEU A 27 -7.69 -7.27 15.29
N LYS A 28 -8.91 -6.77 15.32
CA LYS A 28 -9.86 -7.29 16.30
C LYS A 28 -10.12 -8.78 16.10
N LYS A 29 -10.22 -9.19 14.84
CA LYS A 29 -10.53 -10.58 14.56
C LYS A 29 -9.44 -11.53 14.97
N HIS A 30 -8.20 -11.11 14.82
CA HIS A 30 -7.09 -12.02 15.05
C HIS A 30 -6.30 -11.87 16.32
N LEU A 31 -6.47 -10.75 17.02
CA LEU A 31 -5.76 -10.59 18.30
C LEU A 31 -6.64 -11.14 19.39
N THR A 32 -6.63 -12.47 19.44
CA THR A 32 -7.36 -13.26 20.45
C THR A 32 -6.56 -13.23 21.73
N LYS A 33 -7.19 -13.67 22.82
CA LYS A 33 -6.48 -13.71 24.11
C LYS A 33 -5.19 -14.57 24.09
N ASP A 34 -5.23 -15.72 23.42
CA ASP A 34 -4.06 -16.60 23.31
C ASP A 34 -2.90 -15.92 22.57
N VAL A 35 -3.21 -15.32 21.41
CA VAL A 35 -2.20 -14.64 20.64
C VAL A 35 -1.60 -13.48 21.44
N PHE A 36 -2.49 -12.68 22.03
CA PHE A 36 -2.13 -11.51 22.84
C PHE A 36 -1.16 -11.90 23.97
N ASP A 37 -1.55 -12.93 24.72
CA ASP A 37 -0.74 -13.38 25.82
C ASP A 37 0.60 -13.91 25.36
N SER A 38 0.64 -14.55 24.18
CA SER A 38 1.91 -15.09 23.72
C SER A 38 2.95 -14.06 23.26
N ILE A 39 2.51 -12.84 22.87
CA ILE A 39 3.46 -11.85 22.39
C ILE A 39 3.52 -10.50 23.08
N LYS A 40 2.56 -10.24 23.99
CA LYS A 40 2.58 -8.93 24.64
C LYS A 40 3.85 -8.53 25.41
N ASN A 41 4.66 -9.50 25.82
CA ASN A 41 5.88 -9.20 26.55
C ASN A 41 7.12 -9.10 25.66
N LYS A 42 6.94 -9.29 24.36
CA LYS A 42 8.07 -9.28 23.45
C LYS A 42 8.48 -7.95 22.93
N LYS A 43 9.77 -7.81 22.66
CA LYS A 43 10.31 -6.57 22.16
C LYS A 43 11.37 -6.89 21.14
N THR A 44 11.42 -6.13 20.05
CA THR A 44 12.44 -6.36 19.06
C THR A 44 13.74 -5.68 19.50
N GLY A 45 14.80 -5.95 18.76
CA GLY A 45 16.11 -5.37 19.04
C GLY A 45 16.13 -3.87 18.99
N MET A 46 15.22 -3.27 18.22
CA MET A 46 15.16 -1.82 18.16
C MET A 46 14.18 -1.23 19.17
N GLY A 47 13.63 -2.10 20.04
CA GLY A 47 12.71 -1.64 21.07
C GLY A 47 11.23 -1.61 20.71
N ALA A 48 10.88 -2.15 19.56
CA ALA A 48 9.48 -2.17 19.12
C ALA A 48 8.71 -3.18 19.93
N THR A 49 7.52 -2.77 20.36
CA THR A 49 6.65 -3.60 21.19
C THR A 49 5.30 -3.87 20.52
N LEU A 50 4.46 -4.68 21.12
CA LEU A 50 3.17 -4.96 20.49
C LEU A 50 2.35 -3.68 20.40
N LEU A 51 2.56 -2.76 21.32
CA LEU A 51 1.82 -1.50 21.27
C LEU A 51 2.19 -0.73 20.04
N ASP A 52 3.45 -0.76 19.62
CA ASP A 52 3.87 -0.03 18.43
C ASP A 52 3.17 -0.62 17.20
N VAL A 53 3.00 -1.92 17.24
CA VAL A 53 2.35 -2.67 16.15
C VAL A 53 0.84 -2.40 16.01
N ILE A 54 0.12 -2.42 17.13
CA ILE A 54 -1.33 -2.33 17.13
C ILE A 54 -2.01 -1.00 17.47
N GLN A 55 -1.25 -0.01 17.93
CA GLN A 55 -1.85 1.23 18.40
C GLN A 55 -2.72 1.91 17.36
N SER A 56 -2.30 1.91 16.08
CA SER A 56 -3.12 2.59 15.10
C SER A 56 -4.53 1.95 14.99
N GLY A 57 -4.60 0.61 15.08
CA GLY A 57 -5.89 -0.07 14.98
C GLY A 57 -6.71 0.00 16.25
N VAL A 58 -6.04 0.21 17.39
CA VAL A 58 -6.78 0.36 18.65
C VAL A 58 -7.43 1.76 18.64
N GLU A 59 -6.69 2.77 18.16
CA GLU A 59 -7.17 4.14 18.14
C GLU A 59 -8.12 4.40 17.02
N ASN A 60 -7.98 3.67 15.92
CA ASN A 60 -8.89 3.82 14.79
C ASN A 60 -9.65 2.51 14.56
N LEU A 61 -10.80 2.38 15.23
CA LEU A 61 -11.55 1.12 15.15
C LEU A 61 -12.10 0.85 13.76
N ASP A 62 -12.22 1.89 12.94
CA ASP A 62 -12.70 1.72 11.57
C ASP A 62 -11.60 1.18 10.63
N SER A 63 -10.42 0.82 11.18
CA SER A 63 -9.36 0.29 10.34
C SER A 63 -9.73 -1.03 9.67
N GLY A 64 -9.30 -1.21 8.44
CA GLY A 64 -9.56 -2.48 7.75
C GLY A 64 -8.65 -3.56 8.32
N VAL A 65 -7.38 -3.22 8.51
CA VAL A 65 -6.38 -4.17 9.06
C VAL A 65 -6.02 -3.68 10.46
N GLY A 66 -5.25 -2.63 10.59
CA GLY A 66 -5.01 -2.07 11.91
C GLY A 66 -3.68 -2.33 12.56
N ILE A 67 -2.77 -2.98 11.83
CA ILE A 67 -1.44 -3.17 12.36
C ILE A 67 -0.36 -2.78 11.37
N TYR A 68 0.82 -2.44 11.87
CA TYR A 68 1.95 -2.08 11.03
C TYR A 68 3.18 -2.68 11.69
N ALA A 69 4.20 -2.86 10.87
CA ALA A 69 5.50 -3.32 11.37
C ALA A 69 6.46 -2.17 11.65
N PRO A 70 6.83 -1.95 12.94
CA PRO A 70 7.76 -0.84 13.18
C PRO A 70 9.16 -1.08 12.62
N ASP A 71 9.57 -2.36 12.56
CA ASP A 71 10.84 -2.72 11.97
C ASP A 71 10.63 -4.09 11.33
N ALA A 72 11.65 -4.58 10.61
CA ALA A 72 11.51 -5.86 9.94
C ALA A 72 11.38 -7.02 10.92
N GLU A 73 12.11 -6.96 12.05
CA GLU A 73 12.07 -8.06 12.99
C GLU A 73 10.66 -8.32 13.53
N SER A 74 9.84 -7.25 13.61
CA SER A 74 8.48 -7.33 14.12
C SER A 74 7.62 -8.39 13.43
N TYR A 75 7.88 -8.57 12.13
CA TYR A 75 7.11 -9.56 11.39
C TYR A 75 7.19 -10.94 11.98
N ARG A 76 8.31 -11.23 12.62
CA ARG A 76 8.51 -12.51 13.24
C ARG A 76 8.30 -12.44 14.75
N THR A 77 8.80 -11.40 15.42
CA THR A 77 8.61 -11.28 16.85
C THR A 77 7.11 -11.36 17.22
N PHE A 78 6.29 -10.71 16.40
CA PHE A 78 4.86 -10.70 16.63
C PHE A 78 4.16 -11.54 15.52
N GLY A 79 4.86 -12.59 15.06
CA GLY A 79 4.35 -13.47 14.02
C GLY A 79 3.01 -14.05 14.39
N PRO A 80 2.77 -14.42 15.66
CA PRO A 80 1.46 -15.00 16.00
C PRO A 80 0.30 -14.12 15.64
N LEU A 81 0.53 -12.79 15.57
CA LEU A 81 -0.52 -11.85 15.15
C LEU A 81 -0.37 -11.51 13.64
N PHE A 82 0.84 -11.24 13.17
CA PHE A 82 1.02 -10.95 11.74
C PHE A 82 0.61 -12.12 10.84
N ASP A 83 0.99 -13.35 11.20
CA ASP A 83 0.72 -14.48 10.32
C ASP A 83 -0.76 -14.68 10.00
N PRO A 84 -1.66 -14.70 11.00
CA PRO A 84 -3.06 -14.91 10.64
C PRO A 84 -3.66 -13.74 9.85
N ILE A 85 -3.21 -12.52 10.17
CA ILE A 85 -3.73 -11.36 9.46
C ILE A 85 -3.28 -11.38 8.01
N ILE A 86 -2.03 -11.74 7.80
CA ILE A 86 -1.49 -11.83 6.44
C ILE A 86 -2.22 -12.89 5.62
N ASP A 87 -2.50 -14.03 6.26
CA ASP A 87 -3.17 -15.13 5.59
C ASP A 87 -4.57 -14.72 5.17
N ASP A 88 -5.25 -14.02 6.06
CA ASP A 88 -6.62 -13.58 5.80
C ASP A 88 -6.65 -12.52 4.69
N TYR A 89 -5.87 -11.44 4.85
CA TYR A 89 -5.90 -10.38 3.86
C TYR A 89 -5.49 -10.85 2.46
N HIS A 90 -4.39 -11.63 2.36
CA HIS A 90 -3.90 -12.01 1.05
C HIS A 90 -4.58 -13.23 0.43
N GLY A 91 -5.67 -13.67 1.03
CA GLY A 91 -6.43 -14.77 0.45
C GLY A 91 -5.73 -16.11 0.46
N GLY A 92 -5.07 -16.37 1.58
CA GLY A 92 -4.37 -17.63 1.78
C GLY A 92 -2.88 -17.52 1.75
N PHE A 93 -2.24 -17.66 2.92
CA PHE A 93 -0.80 -17.64 2.96
C PHE A 93 -0.47 -18.48 4.20
N LYS A 94 -0.21 -19.74 3.94
CA LYS A 94 0.09 -20.71 4.98
C LYS A 94 1.42 -20.45 5.70
N LEU A 95 1.57 -21.04 6.90
CA LEU A 95 2.85 -20.92 7.61
C LEU A 95 3.99 -21.55 6.79
N THR A 96 3.65 -22.51 5.93
CA THR A 96 4.65 -23.20 5.10
C THR A 96 4.83 -22.54 3.74
N ASP A 97 4.00 -21.52 3.44
CA ASP A 97 4.19 -20.82 2.14
C ASP A 97 5.33 -19.78 2.20
N LYS A 98 5.88 -19.52 1.02
CA LYS A 98 6.89 -18.53 0.78
C LYS A 98 6.45 -17.79 -0.49
N HIS A 99 6.71 -16.49 -0.50
CA HIS A 99 6.37 -15.66 -1.66
C HIS A 99 7.17 -16.16 -2.84
N PRO A 100 6.55 -16.27 -4.02
CA PRO A 100 7.29 -16.76 -5.18
C PRO A 100 8.36 -15.82 -5.70
N PRO A 101 9.30 -16.33 -6.50
CA PRO A 101 10.35 -15.45 -7.05
C PRO A 101 9.69 -14.35 -7.90
N LYS A 102 10.32 -13.18 -7.94
CA LYS A 102 9.80 -12.06 -8.72
C LYS A 102 9.62 -12.49 -10.16
N GLU A 103 8.49 -12.13 -10.74
CA GLU A 103 8.22 -12.50 -12.11
C GLU A 103 7.24 -11.49 -12.72
N TRP A 104 7.72 -10.61 -13.57
CA TRP A 104 6.84 -9.61 -14.18
C TRP A 104 5.92 -10.24 -15.20
N GLY A 105 6.34 -11.34 -15.83
CA GLY A 105 5.49 -11.98 -16.80
C GLY A 105 5.63 -11.46 -18.22
N ASP A 106 4.92 -12.12 -19.15
CA ASP A 106 4.91 -11.73 -20.55
C ASP A 106 3.87 -10.62 -20.76
N ILE A 107 4.38 -9.41 -20.84
CA ILE A 107 3.54 -8.23 -20.96
C ILE A 107 2.67 -8.25 -22.22
N ASN A 108 3.10 -8.93 -23.27
CA ASN A 108 2.30 -9.03 -24.47
C ASN A 108 0.99 -9.80 -24.34
N THR A 109 0.83 -10.51 -23.23
CA THR A 109 -0.37 -11.25 -23.06
C THR A 109 -1.52 -10.41 -22.49
N LEU A 110 -1.22 -9.19 -22.02
CA LEU A 110 -2.29 -8.37 -21.45
C LEU A 110 -3.29 -8.05 -22.54
N VAL A 111 -4.56 -7.93 -22.12
CA VAL A 111 -5.68 -7.68 -23.02
C VAL A 111 -6.11 -6.20 -23.06
N ASP A 112 -6.41 -5.72 -24.26
CA ASP A 112 -6.85 -4.32 -24.41
C ASP A 112 -8.17 -4.16 -23.68
N LEU A 113 -8.22 -3.24 -22.71
CA LEU A 113 -9.42 -3.21 -21.88
C LEU A 113 -10.81 -2.90 -22.46
N ASP A 114 -11.16 -1.65 -22.36
CA ASP A 114 -12.34 -0.85 -22.70
C ASP A 114 -11.96 -0.03 -23.96
N PRO A 115 -11.91 -0.64 -25.15
CA PRO A 115 -11.52 0.15 -26.32
C PRO A 115 -12.34 1.36 -26.67
N ALA A 116 -13.64 1.32 -26.37
CA ALA A 116 -14.46 2.48 -26.70
C ALA A 116 -14.29 3.62 -25.68
N GLY A 117 -13.61 3.37 -24.54
CA GLY A 117 -13.41 4.42 -23.55
C GLY A 117 -14.69 4.81 -22.80
N GLN A 118 -15.56 3.84 -22.58
CA GLN A 118 -16.82 4.08 -21.92
C GLN A 118 -16.79 3.96 -20.41
N PHE A 119 -15.75 3.32 -19.88
CA PHE A 119 -15.69 3.05 -18.46
C PHE A 119 -14.48 3.52 -17.69
N ILE A 120 -13.29 3.26 -18.23
CA ILE A 120 -12.04 3.59 -17.54
C ILE A 120 -11.58 5.02 -17.77
N ILE A 121 -11.28 5.72 -16.67
CA ILE A 121 -10.83 7.11 -16.69
C ILE A 121 -9.30 7.17 -16.67
N SER A 122 -8.67 6.32 -15.85
CA SER A 122 -7.23 6.36 -15.75
C SER A 122 -6.73 5.05 -15.10
N THR A 123 -5.44 4.75 -15.32
CA THR A 123 -4.84 3.49 -14.90
C THR A 123 -3.57 3.79 -14.19
N ARG A 124 -3.31 3.00 -13.16
CA ARG A 124 -2.11 3.20 -12.33
C ARG A 124 -1.60 1.91 -11.78
N VAL A 125 -0.29 1.71 -11.72
CA VAL A 125 0.24 0.53 -11.03
C VAL A 125 1.39 1.07 -10.16
N ARG A 126 1.42 0.71 -8.88
CA ARG A 126 2.50 1.11 -8.02
C ARG A 126 3.06 -0.09 -7.27
N CYS A 127 4.30 0.07 -6.84
CA CYS A 127 4.99 -0.89 -5.96
C CYS A 127 5.59 -0.08 -4.82
N GLY A 128 5.96 -0.79 -3.77
CA GLY A 128 6.61 -0.17 -2.63
C GLY A 128 7.93 -0.86 -2.37
N ARG A 129 8.92 -0.13 -1.86
CA ARG A 129 10.21 -0.72 -1.52
C ARG A 129 10.74 -0.07 -0.26
N SER A 130 11.46 -0.89 0.50
CA SER A 130 12.13 -0.45 1.72
C SER A 130 13.63 -0.56 1.52
N LEU A 131 14.34 0.48 1.95
CA LEU A 131 15.78 0.53 1.86
C LEU A 131 16.43 -0.35 2.93
N GLN A 132 17.32 -1.19 2.48
CA GLN A 132 18.04 -2.08 3.37
C GLN A 132 18.90 -1.21 4.28
N GLY A 133 18.88 -1.51 5.58
CA GLY A 133 19.66 -0.71 6.52
C GLY A 133 18.88 0.35 7.30
N TYR A 134 17.59 0.44 7.03
CA TYR A 134 16.75 1.42 7.71
C TYR A 134 15.47 0.76 8.15
N PRO A 135 14.99 1.07 9.37
CA PRO A 135 13.74 0.46 9.79
C PRO A 135 12.56 1.26 9.17
N PHE A 136 11.36 0.88 9.57
CA PHE A 136 10.21 1.57 9.04
C PHE A 136 9.91 2.85 9.83
N ASN A 137 8.96 3.63 9.34
CA ASN A 137 8.63 4.93 9.91
C ASN A 137 8.71 5.17 11.41
N PRO A 138 8.05 4.36 12.23
CA PRO A 138 8.07 4.64 13.66
C PRO A 138 9.43 4.61 14.32
N CYS A 139 10.39 3.97 13.69
CA CYS A 139 11.70 3.84 14.29
C CYS A 139 12.76 4.74 13.67
N LEU A 140 12.38 5.65 12.80
CA LEU A 140 13.36 6.54 12.17
C LEU A 140 13.52 7.85 12.91
N THR A 141 14.74 8.40 12.87
CA THR A 141 15.03 9.71 13.43
C THR A 141 14.93 10.71 12.27
N ALA A 142 14.85 12.00 12.59
CA ALA A 142 14.75 13.02 11.58
C ALA A 142 16.00 12.92 10.69
N GLU A 143 17.14 12.62 11.31
CA GLU A 143 18.40 12.53 10.57
C GLU A 143 18.33 11.42 9.53
N GLN A 144 17.79 10.27 9.91
CA GLN A 144 17.61 9.16 8.97
C GLN A 144 16.66 9.55 7.83
N TYR A 145 15.53 10.19 8.16
CA TYR A 145 14.61 10.63 7.10
C TYR A 145 15.36 11.45 6.06
N LYS A 146 16.21 12.38 6.49
CA LYS A 146 16.91 13.24 5.55
C LYS A 146 17.99 12.51 4.79
N GLU A 147 18.69 11.60 5.44
CA GLU A 147 19.72 10.80 4.81
C GLU A 147 19.10 9.93 3.72
N MET A 148 17.95 9.32 4.02
CA MET A 148 17.23 8.50 3.04
C MET A 148 16.75 9.34 1.86
N GLU A 149 16.23 10.53 2.16
CA GLU A 149 15.77 11.42 1.11
C GLU A 149 16.92 11.76 0.19
N GLU A 150 18.09 12.03 0.73
CA GLU A 150 19.23 12.40 -0.11
C GLU A 150 19.66 11.20 -0.96
N LYS A 151 19.65 10.01 -0.39
CA LYS A 151 20.04 8.78 -1.10
C LYS A 151 19.12 8.50 -2.29
N VAL A 152 17.81 8.55 -2.04
CA VAL A 152 16.82 8.27 -3.08
C VAL A 152 16.83 9.36 -4.16
N SER A 153 16.78 10.63 -3.77
CA SER A 153 16.81 11.71 -4.75
C SER A 153 18.12 11.67 -5.58
N SER A 154 19.22 11.23 -4.98
CA SER A 154 20.47 11.12 -5.72
C SER A 154 20.37 10.01 -6.74
N THR A 155 19.80 8.87 -6.36
CA THR A 155 19.68 7.78 -7.30
C THR A 155 18.76 8.20 -8.45
N LEU A 156 17.65 8.83 -8.10
CA LEU A 156 16.67 9.18 -9.13
C LEU A 156 17.20 10.22 -10.09
N SER A 157 18.21 11.00 -9.68
CA SER A 157 18.76 11.98 -10.60
C SER A 157 19.45 11.31 -11.79
N SER A 158 19.70 9.98 -11.71
CA SER A 158 20.32 9.23 -12.80
C SER A 158 19.32 8.62 -13.76
N MET A 159 18.02 8.78 -13.49
CA MET A 159 17.01 8.22 -14.40
C MET A 159 17.10 8.93 -15.74
N GLU A 160 16.92 8.15 -16.80
CA GLU A 160 17.02 8.69 -18.15
C GLU A 160 15.79 8.46 -19.03
N ASP A 161 15.81 9.19 -20.13
CA ASP A 161 14.78 9.16 -21.15
C ASP A 161 13.39 9.37 -20.60
N GLU A 162 12.45 8.42 -20.80
CA GLU A 162 11.08 8.68 -20.33
C GLU A 162 11.01 8.88 -18.81
N LEU A 163 11.94 8.22 -18.10
CA LEU A 163 11.96 8.27 -16.63
C LEU A 163 12.72 9.46 -16.03
N LYS A 164 13.42 10.22 -16.86
CA LYS A 164 14.15 11.38 -16.36
C LYS A 164 13.17 12.35 -15.69
N GLY A 165 13.56 12.90 -14.54
CA GLY A 165 12.64 13.80 -13.85
C GLY A 165 13.33 14.66 -12.83
N THR A 166 12.51 15.26 -11.97
CA THR A 166 12.93 16.20 -10.95
C THR A 166 12.33 15.84 -9.59
N TYR A 167 13.08 16.10 -8.54
CA TYR A 167 12.61 15.86 -7.18
C TYR A 167 12.01 17.11 -6.54
N TYR A 168 10.85 16.95 -5.93
CA TYR A 168 10.19 18.10 -5.34
C TYR A 168 9.97 17.85 -3.84
N PRO A 169 10.82 18.41 -2.95
CA PRO A 169 10.61 18.19 -1.49
C PRO A 169 9.23 18.72 -1.02
N LEU A 170 8.54 18.01 -0.13
CA LEU A 170 7.24 18.48 0.32
C LEU A 170 7.35 19.84 1.02
N THR A 171 8.43 20.08 1.74
CA THR A 171 8.59 21.40 2.33
C THR A 171 8.97 22.08 0.99
N GLY A 172 8.74 23.34 0.81
CA GLY A 172 9.12 23.83 -0.49
C GLY A 172 7.85 23.99 -1.28
N MET A 173 6.84 23.16 -1.03
CA MET A 173 5.56 23.29 -1.74
C MET A 173 4.60 24.23 -1.03
N SER A 174 4.06 25.17 -1.80
CA SER A 174 3.11 26.09 -1.24
C SER A 174 1.86 25.27 -1.03
N LYS A 175 0.97 25.81 -0.24
CA LYS A 175 -0.30 25.17 0.01
C LYS A 175 -1.05 24.81 -1.28
N ALA A 176 -1.05 25.73 -2.23
CA ALA A 176 -1.72 25.54 -3.52
C ALA A 176 -1.01 24.49 -4.39
N THR A 177 0.30 24.53 -4.41
CA THR A 177 1.09 23.57 -5.18
C THR A 177 0.81 22.14 -4.67
N GLN A 178 0.85 21.95 -3.36
CA GLN A 178 0.59 20.62 -2.80
C GLN A 178 -0.85 20.19 -3.09
N GLN A 179 -1.80 21.08 -2.90
CA GLN A 179 -3.20 20.74 -3.10
C GLN A 179 -3.46 20.33 -4.53
N GLN A 180 -2.85 21.01 -5.50
CA GLN A 180 -3.11 20.66 -6.86
C GLN A 180 -2.56 19.29 -7.22
N LEU A 181 -1.39 18.95 -6.70
CA LEU A 181 -0.79 17.64 -6.98
C LEU A 181 -1.59 16.53 -6.34
N ILE A 182 -2.22 16.77 -5.19
CA ILE A 182 -3.08 15.76 -4.55
C ILE A 182 -4.38 15.74 -5.32
N ASP A 183 -4.97 16.90 -5.64
CA ASP A 183 -6.23 16.88 -6.38
C ASP A 183 -6.10 16.13 -7.74
N ASP A 184 -4.93 16.22 -8.35
CA ASP A 184 -4.72 15.56 -9.65
C ASP A 184 -4.29 14.08 -9.50
N HIS A 185 -4.27 13.61 -8.25
CA HIS A 185 -4.03 12.19 -7.93
C HIS A 185 -2.58 11.72 -8.02
N PHE A 186 -1.64 12.66 -8.03
CA PHE A 186 -0.22 12.35 -8.16
C PHE A 186 0.52 12.22 -6.85
N LEU A 187 0.27 13.14 -5.95
CA LEU A 187 0.96 13.23 -4.67
C LEU A 187 0.12 12.68 -3.50
N PHE A 188 0.82 12.05 -2.54
CA PHE A 188 0.17 11.53 -1.36
C PHE A 188 -0.41 12.69 -0.54
N LYS A 189 -1.51 12.41 0.14
CA LYS A 189 -2.12 13.44 1.01
C LYS A 189 -1.37 13.52 2.34
N GLU A 190 -1.65 14.56 3.11
CA GLU A 190 -1.04 14.68 4.45
C GLU A 190 -2.13 14.48 5.53
N GLY A 191 -1.68 14.32 6.78
CA GLY A 191 -2.62 14.16 7.87
C GLY A 191 -3.44 12.90 8.00
N ASP A 192 -2.96 11.79 7.46
CA ASP A 192 -3.70 10.51 7.53
C ASP A 192 -3.71 10.01 8.97
N ARG A 193 -4.90 9.87 9.53
CA ARG A 193 -5.08 9.51 10.95
C ARG A 193 -4.52 8.13 11.27
N PHE A 194 -4.59 7.23 10.30
CA PHE A 194 -4.08 5.87 10.50
C PHE A 194 -2.58 5.87 10.60
N LEU A 195 -1.89 6.57 9.71
CA LEU A 195 -0.45 6.67 9.77
C LEU A 195 0.01 7.49 10.96
N GLN A 196 -0.72 8.55 11.30
CA GLN A 196 -0.30 9.37 12.44
C GLN A 196 -0.22 8.57 13.72
N THR A 197 -1.28 7.78 13.98
CA THR A 197 -1.35 7.02 15.21
C THR A 197 -0.38 5.85 15.22
N ALA A 198 0.14 5.48 14.05
CA ALA A 198 1.17 4.44 13.96
C ALA A 198 2.54 5.09 14.17
N ASN A 199 2.54 6.38 14.53
CA ASN A 199 3.80 7.12 14.66
C ASN A 199 4.64 7.14 13.38
N ALA A 200 3.94 7.21 12.25
CA ALA A 200 4.57 7.21 10.92
C ALA A 200 4.72 8.59 10.28
N CYS A 201 4.30 9.64 10.99
CA CYS A 201 4.34 11.01 10.42
C CYS A 201 5.17 11.96 11.23
N ARG A 202 6.09 11.40 12.01
CA ARG A 202 6.94 12.21 12.88
C ARG A 202 7.82 13.07 12.01
N TYR A 203 8.03 14.30 12.47
CA TYR A 203 8.88 15.29 11.84
C TYR A 203 8.38 15.78 10.51
N TRP A 204 7.12 15.50 10.17
CA TRP A 204 6.54 15.86 8.88
C TRP A 204 6.76 17.37 8.69
N PRO A 205 7.17 17.81 7.48
CA PRO A 205 7.42 17.08 6.25
C PRO A 205 8.85 16.75 5.99
N THR A 206 9.70 16.80 7.01
CA THR A 206 11.13 16.52 6.80
C THR A 206 11.36 15.16 6.17
N GLY A 207 12.12 15.19 5.08
CA GLY A 207 12.48 13.98 4.34
C GLY A 207 11.44 13.45 3.39
N ARG A 208 10.30 14.12 3.28
CA ARG A 208 9.24 13.65 2.41
C ARG A 208 9.21 14.44 1.12
N GLY A 209 8.78 13.78 0.05
CA GLY A 209 8.70 14.51 -1.21
C GLY A 209 8.32 13.62 -2.37
N ILE A 210 8.30 14.19 -3.57
CA ILE A 210 7.95 13.44 -4.75
C ILE A 210 8.89 13.68 -5.92
N PHE A 211 9.32 12.60 -6.57
CA PHE A 211 10.11 12.72 -7.80
C PHE A 211 9.15 12.42 -8.95
N HIS A 212 9.20 13.16 -10.06
CA HIS A 212 8.39 12.79 -11.20
C HIS A 212 8.93 13.34 -12.49
N ASN A 213 8.66 12.64 -13.59
CA ASN A 213 9.07 13.12 -14.91
C ASN A 213 8.13 14.24 -15.25
N ASP A 214 8.48 15.08 -16.23
CA ASP A 214 7.61 16.22 -16.51
C ASP A 214 6.17 15.87 -16.85
N ALA A 215 5.99 14.72 -17.49
CA ALA A 215 4.64 14.27 -17.86
C ALA A 215 3.79 13.74 -16.69
N LYS A 216 4.43 13.47 -15.56
CA LYS A 216 3.77 12.93 -14.37
C LYS A 216 3.19 11.53 -14.63
N THR A 217 3.91 10.77 -15.47
CA THR A 217 3.52 9.38 -15.77
C THR A 217 4.39 8.40 -14.99
N PHE A 218 5.49 8.90 -14.45
CA PHE A 218 6.38 8.09 -13.62
C PHE A 218 6.70 8.94 -12.43
N LEU A 219 6.35 8.44 -11.25
CA LEU A 219 6.55 9.18 -10.00
C LEU A 219 7.11 8.28 -8.91
N VAL A 220 7.83 8.87 -7.95
CA VAL A 220 8.31 8.13 -6.82
C VAL A 220 8.03 8.96 -5.58
N TRP A 221 7.25 8.39 -4.67
CA TRP A 221 6.99 9.07 -3.39
C TRP A 221 8.12 8.67 -2.45
N VAL A 222 8.69 9.64 -1.75
CA VAL A 222 9.80 9.41 -0.83
C VAL A 222 9.35 9.61 0.62
N ASN A 223 9.46 8.55 1.41
CA ASN A 223 9.13 8.61 2.81
C ASN A 223 7.73 8.92 3.28
N GLU A 224 6.72 8.46 2.53
CA GLU A 224 5.37 8.54 3.03
C GLU A 224 5.18 7.23 3.82
N GLU A 225 4.23 6.36 3.46
CA GLU A 225 4.01 5.13 4.21
C GLU A 225 5.23 4.19 4.14
N ASP A 226 5.76 4.00 2.94
CA ASP A 226 6.97 3.23 2.70
C ASP A 226 8.10 4.19 2.27
N HIS A 227 9.33 3.69 2.34
CA HIS A 227 10.50 4.48 2.00
C HIS A 227 10.30 4.97 0.60
N LEU A 228 9.90 4.06 -0.28
CA LEU A 228 9.60 4.44 -1.64
C LEU A 228 8.32 3.83 -2.11
N ARG A 229 7.58 4.62 -2.87
CA ARG A 229 6.46 4.08 -3.64
C ARG A 229 6.83 4.46 -5.08
N ILE A 230 6.92 3.48 -5.95
CA ILE A 230 7.29 3.68 -7.36
C ILE A 230 6.02 3.52 -8.16
N ILE A 231 5.66 4.56 -8.92
CA ILE A 231 4.36 4.68 -9.58
C ILE A 231 4.41 4.96 -11.03
N SER A 232 3.57 4.27 -11.78
CA SER A 232 3.39 4.52 -13.22
C SER A 232 1.89 4.75 -13.41
N MET A 233 1.50 5.85 -14.08
CA MET A 233 0.06 6.09 -14.30
C MET A 233 -0.16 7.02 -15.47
N GLN A 234 -1.36 6.95 -16.04
CA GLN A 234 -1.76 7.86 -17.12
C GLN A 234 -3.26 7.79 -17.27
N LYS A 235 -3.81 8.77 -17.99
CA LYS A 235 -5.24 8.76 -18.24
C LYS A 235 -5.52 7.63 -19.22
N GLY A 236 -6.80 7.21 -19.29
CA GLY A 236 -7.12 6.12 -20.19
C GLY A 236 -6.95 4.74 -19.61
N GLY A 237 -6.96 3.73 -20.47
CA GLY A 237 -6.95 2.35 -20.00
C GLY A 237 -5.84 1.46 -20.49
N ASP A 238 -4.70 2.06 -20.87
CA ASP A 238 -3.61 1.28 -21.40
C ASP A 238 -2.73 0.68 -20.32
N LEU A 239 -3.27 -0.35 -19.70
CA LEU A 239 -2.57 -1.07 -18.63
C LEU A 239 -1.23 -1.62 -19.08
N LYS A 240 -1.18 -2.14 -20.29
CA LYS A 240 0.08 -2.68 -20.80
C LYS A 240 1.19 -1.63 -20.78
N THR A 241 0.95 -0.44 -21.32
CA THR A 241 1.95 0.61 -21.32
C THR A 241 2.29 1.04 -19.92
N VAL A 242 1.29 1.18 -19.07
CA VAL A 242 1.54 1.59 -17.69
C VAL A 242 2.41 0.58 -16.96
N TYR A 243 2.08 -0.70 -17.10
CA TYR A 243 2.83 -1.76 -16.42
C TYR A 243 4.23 -1.86 -17.01
N LYS A 244 4.39 -1.82 -18.31
CA LYS A 244 5.74 -1.89 -18.88
C LYS A 244 6.64 -0.79 -18.32
N ARG A 245 6.12 0.42 -18.21
CA ARG A 245 6.90 1.53 -17.68
C ARG A 245 7.29 1.26 -16.22
N LEU A 246 6.37 0.73 -15.41
CA LEU A 246 6.74 0.41 -14.02
C LEU A 246 7.86 -0.64 -13.98
N VAL A 247 7.75 -1.67 -14.81
CA VAL A 247 8.75 -2.72 -14.84
C VAL A 247 10.10 -2.13 -15.15
N THR A 248 10.14 -1.30 -16.19
CA THR A 248 11.39 -0.67 -16.62
C THR A 248 12.00 0.14 -15.45
N ALA A 249 11.17 0.94 -14.78
CA ALA A 249 11.64 1.78 -13.69
C ALA A 249 12.15 0.94 -12.51
N VAL A 250 11.36 -0.04 -12.09
CA VAL A 250 11.78 -0.85 -10.93
C VAL A 250 13.04 -1.65 -11.27
N ASP A 251 13.12 -2.23 -12.47
CA ASP A 251 14.37 -2.94 -12.80
C ASP A 251 15.59 -2.00 -12.71
N ASN A 252 15.44 -0.76 -13.18
CA ASN A 252 16.55 0.16 -13.15
C ASN A 252 16.94 0.61 -11.77
N ILE A 253 15.94 0.96 -10.96
CA ILE A 253 16.21 1.45 -9.61
C ILE A 253 16.79 0.34 -8.73
N GLU A 254 16.32 -0.89 -8.93
CA GLU A 254 16.85 -2.00 -8.15
C GLU A 254 18.33 -2.21 -8.29
N SER A 255 18.88 -1.86 -9.45
CA SER A 255 20.30 -2.03 -9.70
C SER A 255 21.13 -0.95 -8.99
N LYS A 256 20.44 0.09 -8.51
CA LYS A 256 21.10 1.24 -7.88
C LYS A 256 20.91 1.40 -6.39
N LEU A 257 19.83 0.82 -5.86
CA LEU A 257 19.53 0.94 -4.45
C LEU A 257 19.13 -0.38 -3.81
N PRO A 258 19.83 -0.80 -2.76
CA PRO A 258 19.53 -2.04 -2.05
C PRO A 258 18.21 -1.99 -1.30
N PHE A 259 17.31 -2.91 -1.63
CA PHE A 259 16.01 -2.97 -0.98
C PHE A 259 15.86 -4.22 -0.15
N SER A 260 15.10 -4.13 0.92
CA SER A 260 14.85 -5.29 1.79
C SER A 260 13.91 -6.34 1.19
N HIS A 261 14.39 -7.57 1.14
CA HIS A 261 13.63 -8.69 0.61
C HIS A 261 13.75 -9.82 1.62
N ASP A 262 12.68 -10.60 1.77
CA ASP A 262 12.63 -11.71 2.76
C ASP A 262 12.27 -12.98 2.03
N ASP A 263 12.88 -14.08 2.43
CA ASP A 263 12.61 -15.34 1.75
C ASP A 263 11.15 -15.78 1.85
N ARG A 264 10.47 -15.43 2.93
CA ARG A 264 9.07 -15.84 3.05
C ARG A 264 8.12 -14.74 2.62
N PHE A 265 8.40 -13.49 2.97
CA PHE A 265 7.49 -12.38 2.68
C PHE A 265 7.74 -11.54 1.42
N GLY A 266 8.77 -11.88 0.65
CA GLY A 266 9.08 -11.12 -0.54
C GLY A 266 9.58 -9.73 -0.15
N PHE A 267 9.25 -8.72 -0.92
CA PHE A 267 9.68 -7.39 -0.54
C PHE A 267 8.98 -6.89 0.71
N LEU A 268 9.77 -6.32 1.63
CA LEU A 268 9.22 -5.84 2.90
C LEU A 268 8.70 -4.45 2.81
N THR A 269 7.60 -4.24 3.52
CA THR A 269 6.88 -2.98 3.56
C THR A 269 6.37 -2.74 4.96
N PHE A 270 5.97 -1.50 5.22
CA PHE A 270 5.49 -1.08 6.53
C PHE A 270 4.17 -1.70 6.95
N CYS A 271 3.27 -1.83 5.98
CA CYS A 271 1.99 -2.43 6.26
C CYS A 271 1.99 -3.83 5.68
N PRO A 272 1.51 -4.83 6.44
CA PRO A 272 1.49 -6.19 5.90
C PRO A 272 0.68 -6.38 4.64
N THR A 273 -0.28 -5.48 4.36
CA THR A 273 -1.04 -5.64 3.11
C THR A 273 -0.17 -5.37 1.88
N ASN A 274 1.01 -4.79 2.07
CA ASN A 274 1.81 -4.46 0.91
C ASN A 274 3.03 -5.36 0.70
N LEU A 275 3.07 -6.49 1.41
CA LEU A 275 4.21 -7.38 1.26
C LEU A 275 4.23 -8.13 -0.09
N GLY A 276 5.30 -8.84 -0.35
CA GLY A 276 5.38 -9.73 -1.51
C GLY A 276 5.73 -9.02 -2.76
N THR A 277 4.72 -8.87 -3.64
CA THR A 277 4.91 -8.10 -4.84
C THR A 277 4.81 -6.62 -4.54
N THR A 278 4.18 -6.26 -3.45
CA THR A 278 3.92 -4.86 -3.05
C THR A 278 3.05 -4.13 -4.10
N MET A 279 2.46 -4.88 -5.04
CA MET A 279 1.79 -4.24 -6.17
C MET A 279 0.31 -3.93 -6.03
N ARG A 280 -0.01 -2.69 -6.36
CA ARG A 280 -1.41 -2.29 -6.42
C ARG A 280 -1.67 -1.69 -7.81
N ALA A 281 -2.35 -2.46 -8.65
CA ALA A 281 -2.75 -2.05 -10.03
C ALA A 281 -4.19 -1.60 -9.93
N SER A 282 -4.49 -0.37 -10.35
CA SER A 282 -5.84 0.10 -10.23
C SER A 282 -6.33 0.84 -11.44
N VAL A 283 -7.66 0.96 -11.50
CA VAL A 283 -8.27 1.83 -12.50
C VAL A 283 -9.24 2.75 -11.75
N HIS A 284 -9.39 3.96 -12.26
CA HIS A 284 -10.50 4.83 -11.86
C HIS A 284 -11.51 4.48 -12.93
N ILE A 285 -12.68 4.06 -12.48
CA ILE A 285 -13.69 3.54 -13.42
C ILE A 285 -15.10 3.91 -13.00
N GLN A 286 -15.95 4.04 -14.02
CA GLN A 286 -17.37 4.35 -13.79
C GLN A 286 -18.19 3.16 -14.22
N LEU A 287 -18.93 2.57 -13.30
CA LEU A 287 -19.83 1.44 -13.56
C LEU A 287 -21.16 1.86 -12.95
N PRO A 288 -21.88 2.76 -13.61
CA PRO A 288 -23.14 3.22 -13.03
C PRO A 288 -24.24 2.30 -12.66
N LYS A 289 -24.48 1.29 -13.47
CA LYS A 289 -25.52 0.36 -13.18
C LYS A 289 -25.14 -0.50 -11.98
N LEU A 290 -23.86 -0.90 -11.86
CA LEU A 290 -23.35 -1.68 -10.72
C LEU A 290 -22.93 -0.89 -9.46
N ALA A 291 -22.57 0.37 -9.61
CA ALA A 291 -22.12 1.17 -8.46
C ALA A 291 -23.25 2.07 -8.01
N LYS A 292 -24.42 1.49 -7.82
CA LYS A 292 -25.59 2.28 -7.41
C LYS A 292 -25.50 2.36 -5.90
N ASP A 293 -24.56 1.63 -5.36
CA ASP A 293 -24.37 1.63 -3.95
C ASP A 293 -22.95 1.15 -3.67
N ARG A 294 -22.25 1.87 -2.80
CA ARG A 294 -20.91 1.52 -2.34
C ARG A 294 -20.78 0.01 -2.04
N LYS A 295 -21.61 -0.47 -1.11
CA LYS A 295 -21.60 -1.86 -0.67
C LYS A 295 -21.87 -2.90 -1.72
N VAL A 296 -22.83 -2.64 -2.60
CA VAL A 296 -23.14 -3.58 -3.65
C VAL A 296 -21.94 -3.72 -4.59
N LEU A 297 -21.26 -2.60 -4.87
CA LEU A 297 -20.10 -2.66 -5.75
C LEU A 297 -18.96 -3.43 -5.04
N GLU A 298 -18.78 -3.16 -3.75
CA GLU A 298 -17.73 -3.85 -2.99
C GLU A 298 -17.95 -5.35 -2.95
N ASP A 299 -19.21 -5.77 -2.81
CA ASP A 299 -19.46 -7.18 -2.72
C ASP A 299 -19.23 -7.86 -4.07
N ILE A 300 -19.54 -7.17 -5.17
CA ILE A 300 -19.23 -7.77 -6.47
C ILE A 300 -17.70 -7.87 -6.67
N ALA A 301 -17.01 -6.80 -6.30
CA ALA A 301 -15.59 -6.75 -6.48
C ALA A 301 -14.85 -7.78 -5.66
N SER A 302 -15.29 -8.04 -4.43
CA SER A 302 -14.56 -8.99 -3.59
C SER A 302 -14.57 -10.39 -4.17
N LYS A 303 -15.60 -10.71 -4.94
CA LYS A 303 -15.68 -12.04 -5.59
C LYS A 303 -14.58 -12.27 -6.63
N PHE A 304 -13.93 -11.18 -7.05
CA PHE A 304 -12.85 -11.26 -8.03
C PHE A 304 -11.53 -10.84 -7.39
N ASN A 305 -11.48 -10.86 -6.06
CA ASN A 305 -10.26 -10.45 -5.33
C ASN A 305 -9.87 -9.02 -5.59
N LEU A 306 -10.89 -8.17 -5.78
CA LEU A 306 -10.63 -6.76 -5.98
C LEU A 306 -11.09 -5.96 -4.73
N GLN A 307 -10.53 -4.78 -4.58
CA GLN A 307 -10.90 -3.84 -3.54
C GLN A 307 -11.36 -2.53 -4.16
N VAL A 308 -12.34 -1.88 -3.52
CA VAL A 308 -12.87 -0.61 -4.00
C VAL A 308 -12.45 0.48 -3.01
N ARG A 309 -11.92 1.58 -3.55
CA ARG A 309 -11.54 2.78 -2.79
C ARG A 309 -12.23 3.98 -3.44
N GLY A 310 -12.27 5.09 -2.70
CA GLY A 310 -12.84 6.34 -3.23
C GLY A 310 -11.92 6.98 -4.28
N THR A 311 -12.39 8.05 -4.91
CA THR A 311 -11.64 8.71 -5.95
C THR A 311 -10.32 9.29 -5.50
N ARG A 312 -10.24 9.72 -4.24
CA ARG A 312 -9.02 10.31 -3.72
C ARG A 312 -8.22 9.30 -2.91
N GLY A 313 -8.59 8.03 -3.09
CA GLY A 313 -7.87 6.97 -2.43
C GLY A 313 -8.60 6.32 -1.30
N GLU A 314 -7.92 5.44 -0.59
CA GLU A 314 -8.55 4.79 0.53
C GLU A 314 -9.07 5.81 1.57
N HIS A 315 -10.18 5.42 2.19
CA HIS A 315 -10.88 6.22 3.20
C HIS A 315 -11.49 7.48 2.68
N THR A 316 -11.89 7.40 1.42
CA THR A 316 -12.62 8.49 0.78
C THR A 316 -13.77 7.95 -0.01
N GLU A 317 -14.67 8.86 -0.40
CA GLU A 317 -15.85 8.47 -1.18
C GLU A 317 -15.68 8.60 -2.68
N SER A 318 -16.59 7.99 -3.43
CA SER A 318 -16.52 8.18 -4.88
C SER A 318 -17.09 9.56 -5.19
N GLU A 319 -16.47 10.20 -6.18
CA GLU A 319 -16.92 11.49 -6.66
C GLU A 319 -17.32 11.30 -8.10
N GLY A 320 -18.52 11.76 -8.42
CA GLY A 320 -18.95 11.67 -9.80
C GLY A 320 -19.02 10.23 -10.31
N GLY A 321 -19.21 9.28 -9.39
CA GLY A 321 -19.33 7.88 -9.76
C GLY A 321 -18.01 7.20 -10.12
N VAL A 322 -16.90 7.85 -9.83
CA VAL A 322 -15.60 7.26 -10.17
C VAL A 322 -15.04 6.50 -8.98
N TYR A 323 -14.84 5.21 -9.13
CA TYR A 323 -14.24 4.37 -8.09
C TYR A 323 -12.85 3.89 -8.47
N ASP A 324 -12.06 3.68 -7.44
CA ASP A 324 -10.71 3.13 -7.60
C ASP A 324 -10.89 1.65 -7.33
N ILE A 325 -10.63 0.83 -8.35
CA ILE A 325 -10.80 -0.63 -8.16
C ILE A 325 -9.44 -1.25 -8.49
N SER A 326 -8.95 -2.12 -7.58
CA SER A 326 -7.62 -2.68 -7.73
C SER A 326 -7.52 -4.06 -7.21
N ASN A 327 -6.44 -4.74 -7.57
CA ASN A 327 -6.23 -6.05 -6.96
C ASN A 327 -6.01 -5.88 -5.44
N LYS A 328 -6.64 -6.72 -4.64
CA LYS A 328 -6.48 -6.67 -3.21
C LYS A 328 -5.21 -7.39 -2.76
N ARG A 329 -4.95 -8.54 -3.34
CA ARG A 329 -3.87 -9.43 -2.91
C ARG A 329 -2.52 -9.03 -3.45
N ARG A 330 -1.47 -9.12 -2.60
CA ARG A 330 -0.11 -8.76 -3.07
C ARG A 330 0.96 -9.78 -2.75
N LEU A 331 0.68 -10.65 -1.80
CA LEU A 331 1.61 -11.67 -1.31
C LEU A 331 1.16 -13.06 -1.67
N GLY A 332 2.13 -13.92 -2.06
CA GLY A 332 1.79 -15.29 -2.41
C GLY A 332 1.37 -15.55 -3.84
N LEU A 333 1.52 -14.54 -4.71
CA LEU A 333 1.22 -14.61 -6.13
C LEU A 333 2.29 -13.72 -6.79
N THR A 334 2.55 -13.97 -8.08
CA THR A 334 3.59 -13.17 -8.74
C THR A 334 3.10 -11.81 -9.16
N GLU A 335 4.05 -10.99 -9.57
CA GLU A 335 3.70 -9.64 -10.10
C GLU A 335 2.75 -9.77 -11.28
N TYR A 336 3.07 -10.68 -12.20
CA TYR A 336 2.22 -10.94 -13.35
C TYR A 336 0.83 -11.32 -12.87
N GLN A 337 0.75 -12.19 -11.88
CA GLN A 337 -0.54 -12.64 -11.42
C GLN A 337 -1.35 -11.56 -10.75
N ALA A 338 -0.67 -10.64 -10.03
CA ALA A 338 -1.38 -9.56 -9.38
C ALA A 338 -1.97 -8.62 -10.42
N VAL A 339 -1.17 -8.22 -11.43
CA VAL A 339 -1.73 -7.34 -12.46
C VAL A 339 -2.85 -8.08 -13.20
N ARG A 340 -2.72 -9.39 -13.40
CA ARG A 340 -3.76 -10.16 -14.08
C ARG A 340 -5.02 -10.23 -13.25
N GLU A 341 -4.92 -10.30 -11.92
CA GLU A 341 -6.15 -10.36 -11.12
C GLU A 341 -6.89 -9.05 -11.29
N MET A 342 -6.18 -7.92 -11.39
CA MET A 342 -6.89 -6.67 -11.62
C MET A 342 -7.48 -6.67 -13.03
N GLN A 343 -6.69 -7.01 -14.02
CA GLN A 343 -7.20 -6.96 -15.39
C GLN A 343 -8.40 -7.88 -15.56
N ASP A 344 -8.29 -9.12 -15.12
CA ASP A 344 -9.36 -10.09 -15.30
C ASP A 344 -10.60 -9.67 -14.55
N GLY A 345 -10.44 -9.14 -13.35
CA GLY A 345 -11.62 -8.75 -12.60
C GLY A 345 -12.30 -7.58 -13.24
N ILE A 346 -11.53 -6.61 -13.72
CA ILE A 346 -12.15 -5.46 -14.37
C ILE A 346 -12.83 -5.90 -15.65
N LEU A 347 -12.25 -6.82 -16.41
CA LEU A 347 -12.87 -7.29 -17.63
C LEU A 347 -14.23 -7.88 -17.30
N GLU A 348 -14.30 -8.63 -16.20
CA GLU A 348 -15.55 -9.25 -15.79
C GLU A 348 -16.53 -8.21 -15.29
N MET A 349 -16.08 -7.25 -14.49
CA MET A 349 -17.01 -6.26 -14.01
C MET A 349 -17.58 -5.48 -15.17
N ILE A 350 -16.82 -5.20 -16.22
CA ILE A 350 -17.36 -4.49 -17.42
C ILE A 350 -18.41 -5.38 -18.10
N LYS A 351 -18.18 -6.69 -18.17
CA LYS A 351 -19.20 -7.57 -18.75
C LYS A 351 -20.47 -7.49 -17.91
N MET A 352 -20.35 -7.49 -16.58
CA MET A 352 -21.52 -7.43 -15.72
C MET A 352 -22.25 -6.09 -15.85
N GLU A 353 -21.50 -5.00 -15.94
CA GLU A 353 -22.16 -3.70 -16.10
C GLU A 353 -22.95 -3.67 -17.43
N LYS A 354 -22.38 -4.13 -18.53
CA LYS A 354 -23.08 -4.11 -19.80
C LYS A 354 -24.38 -4.93 -19.76
N ALA A 355 -24.41 -6.05 -19.05
CA ALA A 355 -25.60 -6.91 -18.97
C ALA A 355 -26.56 -6.45 -17.90
N ALA A 356 -26.17 -5.52 -17.03
CA ALA A 356 -27.08 -5.12 -15.96
C ALA A 356 -28.18 -4.24 -16.50
N ALA A 357 -29.31 -4.24 -15.81
CA ALA A 357 -30.42 -3.41 -16.26
C ALA A 357 -31.58 -3.62 -15.30
#